data_7TA7
#
_entry.id   7TA7
#
_cell.length_a   46.661
_cell.length_b   96.401
_cell.length_c   67.404
_cell.angle_alpha   90.000
_cell.angle_beta   103.155
_cell.angle_gamma   90.000
#
_symmetry.space_group_name_H-M   'P 1 21 1'
#
loop_
_entity.id
_entity.type
_entity.pdbx_description
1 polymer '3C-like proteinase'
2 polymer 'Nonstructural protein 10/11'
3 non-polymer GLYCEROL
4 water water
#
loop_
_entity_poly.entity_id
_entity_poly.type
_entity_poly.pdbx_seq_one_letter_code
_entity_poly.pdbx_strand_id
1 'polypeptide(L)'
;SGFRKMAFPSGKVEGCMVQVTCGTTTLNGLWLDDVVYCPRHVICTSEDMLNPNYEDLLIRKSNHNFLVQAGNVQLRVIGH
SMQNCVLKLKVDTANPKTPKYKFVRIQPGQTFSVLACYNGSPSGVYQCAMRPNFTIKGSFLNGSAGSVGFNIDYDCVSFC
YMHHMELPTGVHAGTDLEGNFYGPFVDRQTAQAAGTDTTITVNVLAWLYAAVINGDRWFLNRFTTTLNDFNLVAMKYNYE
PLTQDHVDILGPLSAQTGIAVLDMCASLKELLQNGMNGRTILGSALLEDEFTPFDVVRQCSGVTFQ
;
A,B
2 'polypeptide(L)' REPMLQSADAQ C,D
#
loop_
_chem_comp.id
_chem_comp.type
_chem_comp.name
_chem_comp.formula
GOL non-polymer GLYCEROL 'C3 H8 O3'
#
# COMPACT_ATOMS: atom_id res chain seq x y z
N SER A 1 4.20 16.10 7.08
CA SER A 1 2.85 16.26 6.57
C SER A 1 2.56 15.28 5.43
N GLY A 2 1.50 15.53 4.69
CA GLY A 2 1.14 14.65 3.59
C GLY A 2 0.20 13.53 4.04
N PHE A 3 -0.62 13.08 3.10
CA PHE A 3 -1.56 12.00 3.35
C PHE A 3 -1.52 11.02 2.19
N ARG A 4 -1.56 9.73 2.52
CA ARG A 4 -1.47 8.69 1.50
C ARG A 4 -2.08 7.41 2.04
N LYS A 5 -2.58 6.58 1.12
CA LYS A 5 -3.13 5.29 1.49
C LYS A 5 -2.06 4.42 2.11
N MET A 6 -2.24 4.08 3.38
CA MET A 6 -1.24 3.34 4.15
C MET A 6 -1.83 2.06 4.71
N ALA A 7 -1.08 0.98 4.58
CA ALA A 7 -1.42 -0.30 5.17
C ALA A 7 -0.60 -0.54 6.44
N PHE A 8 -1.10 -1.40 7.30
CA PHE A 8 -0.39 -1.73 8.52
C PHE A 8 0.82 -2.60 8.22
N PRO A 9 1.86 -2.54 9.06
CA PRO A 9 2.96 -3.49 8.92
C PRO A 9 2.46 -4.92 9.10
N SER A 10 2.86 -5.79 8.17
CA SER A 10 2.33 -7.14 8.08
C SER A 10 3.21 -8.17 8.80
N GLY A 11 4.16 -7.72 9.62
CA GLY A 11 5.06 -8.66 10.27
C GLY A 11 4.35 -9.67 11.15
N LYS A 12 3.41 -9.20 11.97
CA LYS A 12 2.70 -10.10 12.87
C LYS A 12 1.77 -11.04 12.12
N VAL A 13 1.29 -10.64 10.94
CA VAL A 13 0.37 -11.48 10.19
C VAL A 13 1.12 -12.53 9.38
N GLU A 14 2.32 -12.20 8.90
CA GLU A 14 3.11 -13.16 8.13
C GLU A 14 3.41 -14.42 8.94
N GLY A 15 3.63 -14.27 10.24
CA GLY A 15 3.91 -15.40 11.10
C GLY A 15 2.73 -16.31 11.37
N CYS A 16 1.54 -15.97 10.86
CA CYS A 16 0.35 -16.78 11.04
C CYS A 16 -0.10 -17.48 9.76
N MET A 17 0.60 -17.27 8.64
CA MET A 17 0.20 -17.83 7.36
C MET A 17 0.79 -19.21 7.16
N VAL A 18 -0.05 -20.17 6.80
CA VAL A 18 0.36 -21.53 6.49
C VAL A 18 -0.26 -21.94 5.16
N GLN A 19 0.12 -23.13 4.70
CA GLN A 19 -0.40 -23.69 3.46
C GLN A 19 -1.25 -24.92 3.79
N VAL A 20 -2.45 -24.98 3.21
CA VAL A 20 -3.38 -26.07 3.42
C VAL A 20 -3.65 -26.73 2.08
N THR A 21 -3.41 -28.04 2.01
CA THR A 21 -3.63 -28.81 0.78
C THR A 21 -4.56 -29.96 1.07
N CYS A 22 -5.59 -30.10 0.24
CA CYS A 22 -6.54 -31.22 0.32
C CYS A 22 -6.67 -31.82 -1.07
N GLY A 23 -6.06 -32.99 -1.27
CA GLY A 23 -6.05 -33.62 -2.57
C GLY A 23 -5.19 -32.88 -3.58
N THR A 24 -5.83 -32.33 -4.61
CA THR A 24 -5.14 -31.55 -5.64
C THR A 24 -5.44 -30.07 -5.54
N THR A 25 -6.06 -29.62 -4.46
CA THR A 25 -6.42 -28.22 -4.26
C THR A 25 -5.67 -27.69 -3.05
N THR A 26 -5.06 -26.52 -3.19
CA THR A 26 -4.28 -25.90 -2.13
C THR A 26 -4.60 -24.42 -2.04
N LEU A 27 -4.39 -23.86 -0.86
CA LEU A 27 -4.62 -22.43 -0.62
C LEU A 27 -3.87 -22.05 0.66
N ASN A 28 -4.14 -20.85 1.16
CA ASN A 28 -3.50 -20.33 2.36
C ASN A 28 -4.39 -20.55 3.58
N GLY A 29 -3.75 -20.66 4.73
CA GLY A 29 -4.46 -20.81 5.98
C GLY A 29 -3.94 -19.85 7.03
N LEU A 30 -4.79 -19.58 8.02
CA LEU A 30 -4.47 -18.68 9.12
C LEU A 30 -4.29 -19.53 10.38
N TRP A 31 -3.07 -19.53 10.92
CA TRP A 31 -2.71 -20.35 12.06
C TRP A 31 -2.72 -19.48 13.31
N LEU A 32 -3.75 -19.64 14.15
CA LEU A 32 -3.87 -18.94 15.41
C LEU A 32 -4.07 -19.98 16.51
N ASP A 33 -3.18 -20.00 17.49
CA ASP A 33 -3.17 -20.99 18.57
C ASP A 33 -3.09 -22.37 17.93
N ASP A 34 -3.93 -23.33 18.29
CA ASP A 34 -3.91 -24.66 17.71
C ASP A 34 -5.01 -24.86 16.67
N VAL A 35 -5.49 -23.78 16.04
CA VAL A 35 -6.54 -23.84 15.04
C VAL A 35 -6.02 -23.21 13.75
N VAL A 36 -6.32 -23.83 12.62
CA VAL A 36 -5.95 -23.32 11.31
C VAL A 36 -7.24 -23.01 10.55
N TYR A 37 -7.41 -21.75 10.14
CA TYR A 37 -8.58 -21.30 9.41
C TYR A 37 -8.23 -21.18 7.93
N CYS A 38 -9.01 -21.87 7.09
CA CYS A 38 -8.79 -21.86 5.65
C CYS A 38 -10.14 -21.92 4.96
N PRO A 39 -10.25 -21.41 3.73
CA PRO A 39 -11.56 -21.44 3.05
C PRO A 39 -12.01 -22.88 2.81
N ARG A 40 -13.31 -23.10 2.98
CA ARG A 40 -13.84 -24.46 2.98
C ARG A 40 -13.77 -25.14 1.61
N HIS A 41 -13.61 -24.37 0.53
CA HIS A 41 -13.55 -24.97 -0.79
C HIS A 41 -12.19 -25.60 -1.09
N VAL A 42 -11.31 -25.72 -0.09
CA VAL A 42 -10.07 -26.46 -0.30
C VAL A 42 -10.36 -27.94 -0.47
N ILE A 43 -11.47 -28.43 0.09
CA ILE A 43 -11.87 -29.83 -0.08
C ILE A 43 -12.52 -30.08 -1.43
N CYS A 44 -12.67 -29.06 -2.26
CA CYS A 44 -13.27 -29.21 -3.58
C CYS A 44 -12.22 -29.57 -4.62
N THR A 45 -12.59 -30.43 -5.55
CA THR A 45 -11.76 -30.66 -6.73
C THR A 45 -12.06 -29.60 -7.78
N SER A 46 -11.42 -29.71 -8.94
CA SER A 46 -11.67 -28.75 -10.01
C SER A 46 -13.12 -28.81 -10.49
N GLU A 47 -13.69 -30.01 -10.49
CA GLU A 47 -15.06 -30.20 -10.96
C GLU A 47 -16.11 -29.97 -9.88
N ASP A 48 -15.72 -30.06 -8.60
CA ASP A 48 -16.68 -29.87 -7.52
C ASP A 48 -17.07 -28.40 -7.35
N MET A 49 -16.26 -27.48 -7.85
CA MET A 49 -16.47 -26.06 -7.55
C MET A 49 -17.65 -25.45 -8.28
N LEU A 50 -18.29 -26.18 -9.20
CA LEU A 50 -19.46 -25.65 -9.90
C LEU A 50 -20.65 -25.51 -8.96
N ASN A 51 -21.07 -26.63 -8.36
CA ASN A 51 -22.17 -26.63 -7.40
C ASN A 51 -21.90 -27.68 -6.34
N PRO A 52 -21.03 -27.38 -5.38
CA PRO A 52 -20.66 -28.37 -4.37
C PRO A 52 -21.65 -28.42 -3.22
N ASN A 53 -21.76 -29.60 -2.63
CA ASN A 53 -22.47 -29.80 -1.37
C ASN A 53 -21.39 -29.97 -0.30
N TYR A 54 -21.07 -28.88 0.40
CA TYR A 54 -19.94 -28.90 1.33
C TYR A 54 -20.17 -29.84 2.50
N GLU A 55 -21.42 -29.99 2.95
CA GLU A 55 -21.70 -31.00 3.96
C GLU A 55 -21.40 -32.39 3.44
N ASP A 56 -21.72 -32.65 2.17
CA ASP A 56 -21.41 -33.95 1.58
C ASP A 56 -19.91 -34.12 1.38
N LEU A 57 -19.23 -33.06 0.93
CA LEU A 57 -17.80 -33.17 0.63
C LEU A 57 -16.97 -33.29 1.90
N LEU A 58 -17.43 -32.71 3.02
CA LEU A 58 -16.64 -32.74 4.25
C LEU A 58 -16.67 -34.11 4.89
N ILE A 59 -17.77 -34.86 4.74
CA ILE A 59 -17.82 -36.20 5.31
C ILE A 59 -16.86 -37.12 4.58
N ARG A 60 -16.56 -36.83 3.31
CA ARG A 60 -15.63 -37.68 2.56
C ARG A 60 -14.21 -37.57 3.09
N LYS A 61 -13.86 -36.46 3.72
CA LYS A 61 -12.50 -36.20 4.16
C LYS A 61 -12.32 -36.56 5.62
N SER A 62 -11.10 -36.96 5.97
CA SER A 62 -10.72 -37.26 7.34
C SER A 62 -9.61 -36.28 7.76
N ASN A 63 -9.01 -36.54 8.93
CA ASN A 63 -7.99 -35.64 9.44
C ASN A 63 -6.70 -35.73 8.62
N HIS A 64 -6.34 -36.94 8.18
CA HIS A 64 -5.11 -37.11 7.42
C HIS A 64 -5.22 -36.64 5.97
N ASN A 65 -6.42 -36.25 5.53
CA ASN A 65 -6.59 -35.71 4.18
C ASN A 65 -6.17 -34.25 4.07
N PHE A 66 -5.87 -33.59 5.18
CA PHE A 66 -5.51 -32.18 5.21
C PHE A 66 -4.01 -32.06 5.46
N LEU A 67 -3.28 -31.54 4.47
CA LEU A 67 -1.85 -31.34 4.57
C LEU A 67 -1.59 -29.87 4.93
N VAL A 68 -1.18 -29.63 6.16
CA VAL A 68 -0.91 -28.28 6.66
C VAL A 68 0.60 -28.13 6.81
N GLN A 69 1.19 -27.24 6.03
CA GLN A 69 2.63 -27.02 6.01
C GLN A 69 2.92 -25.62 6.55
N ALA A 70 3.42 -25.56 7.79
CA ALA A 70 3.82 -24.30 8.40
C ALA A 70 5.31 -24.11 8.13
N GLY A 71 5.61 -23.27 7.14
CA GLY A 71 6.98 -23.07 6.72
C GLY A 71 7.59 -24.30 6.09
N ASN A 72 8.43 -25.01 6.84
CA ASN A 72 9.07 -26.24 6.37
C ASN A 72 8.76 -27.40 7.30
N VAL A 73 7.63 -27.35 7.98
CA VAL A 73 7.22 -28.40 8.92
C VAL A 73 5.74 -28.68 8.71
N GLN A 74 5.40 -29.96 8.56
CA GLN A 74 4.01 -30.34 8.40
C GLN A 74 3.31 -30.42 9.76
N LEU A 75 2.17 -29.76 9.87
CA LEU A 75 1.38 -29.78 11.09
C LEU A 75 0.41 -30.96 11.07
N ARG A 76 0.27 -31.62 12.22
CA ARG A 76 -0.60 -32.78 12.34
C ARG A 76 -2.01 -32.30 12.70
N VAL A 77 -2.96 -32.58 11.82
CA VAL A 77 -4.35 -32.20 12.05
C VAL A 77 -5.01 -33.27 12.92
N ILE A 78 -5.51 -32.87 14.08
CA ILE A 78 -6.18 -33.76 15.01
C ILE A 78 -7.67 -33.52 15.08
N GLY A 79 -8.20 -32.59 14.29
CA GLY A 79 -9.62 -32.30 14.27
C GLY A 79 -9.99 -31.33 13.18
N HIS A 80 -11.23 -31.42 12.69
CA HIS A 80 -11.69 -30.53 11.62
C HIS A 80 -13.18 -30.29 11.79
N SER A 81 -13.60 -29.06 11.48
CA SER A 81 -15.00 -28.68 11.56
C SER A 81 -15.24 -27.51 10.62
N MET A 82 -16.49 -27.36 10.18
CA MET A 82 -16.88 -26.34 9.22
C MET A 82 -17.77 -25.31 9.91
N GLN A 83 -17.32 -24.05 9.92
CA GLN A 83 -18.11 -22.93 10.43
C GLN A 83 -18.48 -22.07 9.23
N ASN A 84 -19.73 -22.18 8.79
CA ASN A 84 -20.22 -21.47 7.60
C ASN A 84 -19.38 -21.82 6.38
N CYS A 85 -18.58 -20.86 5.90
CA CYS A 85 -17.82 -21.04 4.68
C CYS A 85 -16.32 -21.20 4.92
N VAL A 86 -15.89 -21.40 6.16
CA VAL A 86 -14.48 -21.59 6.47
C VAL A 86 -14.30 -22.93 7.19
N LEU A 87 -13.11 -23.50 7.04
CA LEU A 87 -12.74 -24.74 7.70
C LEU A 87 -11.86 -24.44 8.91
N LYS A 88 -12.12 -25.15 10.00
CA LYS A 88 -11.36 -25.00 11.24
C LYS A 88 -10.57 -26.28 11.46
N LEU A 89 -9.27 -26.23 11.23
CA LEU A 89 -8.39 -27.38 11.36
C LEU A 89 -7.65 -27.29 12.69
N LYS A 90 -7.97 -28.19 13.62
CA LYS A 90 -7.30 -28.23 14.91
C LYS A 90 -6.00 -29.02 14.78
N VAL A 91 -4.89 -28.40 15.16
CA VAL A 91 -3.58 -29.03 15.09
C VAL A 91 -3.08 -29.31 16.50
N ASP A 92 -2.06 -30.17 16.59
CA ASP A 92 -1.51 -30.56 17.89
C ASP A 92 -0.51 -29.55 18.44
N THR A 93 -0.13 -28.54 17.66
CA THR A 93 0.86 -27.55 18.06
C THR A 93 0.25 -26.16 17.98
N ALA A 94 0.40 -25.38 19.04
CA ALA A 94 -0.05 -24.00 19.03
C ALA A 94 1.02 -23.11 18.41
N ASN A 95 0.57 -22.19 17.56
CA ASN A 95 1.48 -21.28 16.87
C ASN A 95 2.16 -20.36 17.88
N PRO A 96 3.49 -20.45 18.05
CA PRO A 96 4.15 -19.57 19.02
C PRO A 96 4.20 -18.12 18.58
N LYS A 97 3.99 -17.83 17.30
CA LYS A 97 3.97 -16.47 16.79
C LYS A 97 2.57 -15.86 16.81
N THR A 98 1.64 -16.45 17.54
CA THR A 98 0.27 -15.94 17.60
C THR A 98 0.24 -14.62 18.34
N PRO A 99 -0.15 -13.52 17.71
CA PRO A 99 -0.25 -12.24 18.42
C PRO A 99 -1.60 -12.08 19.09
N LYS A 100 -1.78 -10.99 19.83
CA LYS A 100 -3.10 -10.67 20.36
C LYS A 100 -4.04 -10.37 19.19
N TYR A 101 -5.08 -11.18 19.05
CA TYR A 101 -5.95 -11.10 17.89
C TYR A 101 -7.41 -11.09 18.32
N LYS A 102 -8.27 -10.70 17.37
CA LYS A 102 -9.72 -10.70 17.56
C LYS A 102 -10.37 -10.83 16.19
N PHE A 103 -11.57 -11.40 16.18
CA PHE A 103 -12.34 -11.59 14.94
C PHE A 103 -13.45 -10.56 14.90
N VAL A 104 -13.35 -9.63 13.96
CA VAL A 104 -14.33 -8.56 13.81
C VAL A 104 -14.89 -8.58 12.40
N ARG A 105 -16.06 -7.98 12.25
CA ARG A 105 -16.70 -7.81 10.95
C ARG A 105 -16.69 -6.33 10.60
N ILE A 106 -16.00 -5.99 9.51
CA ILE A 106 -15.93 -4.60 9.06
C ILE A 106 -17.21 -4.26 8.32
N GLN A 107 -17.36 -2.99 7.94
CA GLN A 107 -18.54 -2.49 7.28
C GLN A 107 -18.17 -1.83 5.96
N PRO A 108 -19.12 -1.70 5.04
CA PRO A 108 -18.83 -1.01 3.77
C PRO A 108 -18.36 0.41 4.01
N GLY A 109 -17.23 0.76 3.38
CA GLY A 109 -16.59 2.04 3.56
C GLY A 109 -15.35 1.98 4.43
N GLN A 110 -15.33 1.08 5.41
CA GLN A 110 -14.16 0.94 6.28
C GLN A 110 -12.99 0.34 5.50
N THR A 111 -11.79 0.55 6.04
CA THR A 111 -10.56 0.12 5.39
C THR A 111 -9.86 -0.94 6.22
N PHE A 112 -9.03 -1.73 5.54
CA PHE A 112 -8.21 -2.74 6.20
C PHE A 112 -7.07 -3.12 5.28
N SER A 113 -6.02 -3.69 5.87
CA SER A 113 -4.84 -4.11 5.13
C SER A 113 -4.96 -5.58 4.74
N VAL A 114 -4.59 -5.89 3.49
CA VAL A 114 -4.64 -7.25 2.96
C VAL A 114 -3.21 -7.73 2.73
N LEU A 115 -2.91 -8.93 3.20
CA LEU A 115 -1.62 -9.58 2.97
C LEU A 115 -1.84 -10.69 1.96
N ALA A 116 -1.55 -10.40 0.70
CA ALA A 116 -1.69 -11.40 -0.36
C ALA A 116 -0.65 -12.50 -0.18
N CYS A 117 -1.11 -13.75 -0.14
CA CYS A 117 -0.23 -14.89 0.09
C CYS A 117 -0.47 -15.95 -0.96
N TYR A 118 0.59 -16.73 -1.23
CA TYR A 118 0.52 -17.89 -2.11
C TYR A 118 1.40 -18.98 -1.53
N ASN A 119 0.85 -20.19 -1.44
CA ASN A 119 1.56 -21.34 -0.87
C ASN A 119 2.00 -21.06 0.57
N GLY A 120 1.14 -20.37 1.32
CA GLY A 120 1.45 -20.05 2.70
C GLY A 120 2.53 -19.02 2.92
N SER A 121 3.00 -18.37 1.85
CA SER A 121 4.05 -17.37 1.95
C SER A 121 3.54 -16.01 1.50
N PRO A 122 3.95 -14.93 2.18
CA PRO A 122 3.45 -13.61 1.81
C PRO A 122 4.16 -13.07 0.58
N SER A 123 3.38 -12.41 -0.28
CA SER A 123 3.90 -11.84 -1.52
C SER A 123 3.69 -10.35 -1.65
N GLY A 124 2.71 -9.78 -0.96
CA GLY A 124 2.46 -8.35 -1.04
C GLY A 124 1.41 -7.92 -0.04
N VAL A 125 1.43 -6.63 0.27
CA VAL A 125 0.50 -6.05 1.23
C VAL A 125 -0.02 -4.74 0.66
N TYR A 126 -1.32 -4.51 0.78
CA TYR A 126 -1.94 -3.28 0.31
C TYR A 126 -3.15 -2.96 1.16
N GLN A 127 -3.51 -1.68 1.18
CA GLN A 127 -4.67 -1.19 1.92
C GLN A 127 -5.83 -1.02 0.96
N CYS A 128 -6.99 -1.57 1.33
CA CYS A 128 -8.19 -1.50 0.52
C CYS A 128 -9.38 -1.11 1.40
N ALA A 129 -10.56 -1.09 0.80
CA ALA A 129 -11.78 -0.74 1.51
C ALA A 129 -12.92 -1.66 1.07
N MET A 130 -13.81 -1.96 2.00
CA MET A 130 -15.02 -2.70 1.68
C MET A 130 -15.93 -1.83 0.83
N ARG A 131 -16.04 -2.15 -0.45
CA ARG A 131 -16.80 -1.34 -1.39
C ARG A 131 -18.29 -1.40 -1.07
N PRO A 132 -19.08 -0.45 -1.59
CA PRO A 132 -20.53 -0.50 -1.35
C PRO A 132 -21.19 -1.76 -1.85
N ASN A 133 -20.65 -2.41 -2.88
CA ASN A 133 -21.20 -3.67 -3.38
C ASN A 133 -20.67 -4.87 -2.61
N PHE A 134 -20.08 -4.66 -1.43
CA PHE A 134 -19.57 -5.71 -0.56
C PHE A 134 -18.44 -6.51 -1.20
N THR A 135 -17.75 -5.93 -2.17
CA THR A 135 -16.56 -6.52 -2.77
C THR A 135 -15.34 -5.70 -2.39
N ILE A 136 -14.18 -6.13 -2.88
CA ILE A 136 -12.94 -5.38 -2.73
C ILE A 136 -12.23 -5.36 -4.08
N LYS A 137 -11.60 -4.23 -4.39
CA LYS A 137 -10.88 -4.07 -5.65
C LYS A 137 -9.40 -4.35 -5.43
N GLY A 138 -9.11 -5.62 -5.13
CA GLY A 138 -7.78 -6.05 -4.81
C GLY A 138 -7.05 -6.65 -6.01
N SER A 139 -5.94 -7.31 -5.71
CA SER A 139 -5.10 -7.97 -6.71
C SER A 139 -4.84 -9.39 -6.22
N PHE A 140 -5.57 -10.35 -6.78
CA PHE A 140 -5.52 -11.74 -6.32
C PHE A 140 -5.38 -12.66 -7.53
N LEU A 141 -4.48 -13.64 -7.43
CA LEU A 141 -4.27 -14.64 -8.44
C LEU A 141 -4.74 -16.01 -7.92
N ASN A 142 -4.46 -17.05 -8.71
CA ASN A 142 -4.79 -18.40 -8.28
C ASN A 142 -3.94 -18.79 -7.07
N GLY A 143 -4.59 -19.41 -6.08
CA GLY A 143 -3.92 -19.78 -4.87
C GLY A 143 -3.91 -18.72 -3.79
N SER A 144 -4.47 -17.54 -4.05
CA SER A 144 -4.52 -16.47 -3.07
C SER A 144 -5.64 -16.67 -2.05
N ALA A 145 -6.49 -17.69 -2.22
CA ALA A 145 -7.53 -17.96 -1.25
C ALA A 145 -6.90 -18.25 0.12
N GLY A 146 -7.54 -17.74 1.17
CA GLY A 146 -7.00 -17.83 2.51
C GLY A 146 -6.26 -16.59 2.96
N SER A 147 -5.91 -15.70 2.05
CA SER A 147 -5.31 -14.43 2.43
C SER A 147 -6.29 -13.63 3.28
N VAL A 148 -5.76 -12.98 4.31
CA VAL A 148 -6.59 -12.34 5.34
C VAL A 148 -6.45 -10.83 5.24
N GLY A 149 -7.55 -10.14 5.52
CA GLY A 149 -7.54 -8.70 5.73
C GLY A 149 -7.57 -8.42 7.23
N PHE A 150 -6.93 -7.32 7.63
CA PHE A 150 -6.75 -7.08 9.05
C PHE A 150 -6.51 -5.59 9.31
N ASN A 151 -6.75 -5.20 10.55
CA ASN A 151 -6.37 -3.90 11.07
C ASN A 151 -5.62 -4.11 12.38
N ILE A 152 -4.77 -3.14 12.72
CA ILE A 152 -3.98 -3.18 13.95
C ILE A 152 -4.49 -2.07 14.84
N ASP A 153 -5.15 -2.44 15.93
CA ASP A 153 -5.65 -1.49 16.93
C ASP A 153 -4.83 -1.69 18.20
N TYR A 154 -3.90 -0.76 18.44
CA TYR A 154 -2.98 -0.83 19.58
C TYR A 154 -2.22 -2.16 19.57
N ASP A 155 -2.52 -3.01 20.55
CA ASP A 155 -1.85 -4.30 20.66
C ASP A 155 -2.55 -5.41 19.87
N CYS A 156 -3.84 -5.27 19.60
CA CYS A 156 -4.63 -6.35 19.02
C CYS A 156 -4.55 -6.35 17.50
N VAL A 157 -4.53 -7.54 16.93
CA VAL A 157 -4.59 -7.73 15.48
C VAL A 157 -6.01 -8.13 15.14
N SER A 158 -6.76 -7.22 14.53
CA SER A 158 -8.18 -7.45 14.25
C SER A 158 -8.32 -8.05 12.87
N PHE A 159 -8.48 -9.37 12.81
CA PHE A 159 -8.74 -10.05 11.54
C PHE A 159 -10.18 -9.82 11.14
N CYS A 160 -10.40 -9.25 9.96
CA CYS A 160 -11.74 -8.88 9.52
C CYS A 160 -12.13 -9.44 8.16
N TYR A 161 -11.20 -10.00 7.39
CA TYR A 161 -11.49 -10.46 6.06
C TYR A 161 -10.68 -11.70 5.75
N MET A 162 -11.17 -12.51 4.83
CA MET A 162 -10.44 -13.68 4.37
C MET A 162 -10.89 -14.02 2.96
N HIS A 163 -9.93 -14.09 2.04
CA HIS A 163 -10.24 -14.13 0.62
C HIS A 163 -10.75 -15.51 0.21
N HIS A 164 -11.67 -15.50 -0.76
CA HIS A 164 -12.28 -16.74 -1.23
C HIS A 164 -12.27 -16.82 -2.76
N MET A 165 -12.86 -15.83 -3.43
CA MET A 165 -13.15 -15.95 -4.85
C MET A 165 -13.01 -14.60 -5.53
N GLU A 166 -13.04 -14.64 -6.87
CA GLU A 166 -13.03 -13.45 -7.71
C GLU A 166 -14.28 -13.44 -8.58
N LEU A 167 -14.89 -12.28 -8.71
CA LEU A 167 -16.14 -12.11 -9.45
C LEU A 167 -15.86 -11.83 -10.93
N PRO A 168 -16.84 -12.02 -11.81
CA PRO A 168 -16.59 -11.86 -13.25
C PRO A 168 -16.04 -10.50 -13.65
N THR A 169 -16.40 -9.43 -12.93
CA THR A 169 -15.91 -8.11 -13.27
C THR A 169 -14.50 -7.84 -12.78
N GLY A 170 -13.84 -8.83 -12.18
CA GLY A 170 -12.49 -8.65 -11.69
C GLY A 170 -12.40 -8.24 -10.23
N VAL A 171 -13.52 -8.00 -9.57
CA VAL A 171 -13.51 -7.67 -8.14
C VAL A 171 -13.53 -8.96 -7.35
N HIS A 172 -13.28 -8.86 -6.04
CA HIS A 172 -13.08 -10.03 -5.20
C HIS A 172 -14.05 -10.04 -4.03
N ALA A 173 -14.46 -11.24 -3.63
CA ALA A 173 -15.39 -11.45 -2.53
C ALA A 173 -14.79 -12.39 -1.51
N GLY A 174 -15.22 -12.24 -0.26
CA GLY A 174 -14.72 -13.08 0.80
C GLY A 174 -15.66 -13.06 1.99
N THR A 175 -15.19 -13.67 3.08
CA THR A 175 -15.95 -13.79 4.31
C THR A 175 -15.17 -13.15 5.46
N ASP A 176 -15.82 -13.10 6.62
CA ASP A 176 -15.11 -12.79 7.85
C ASP A 176 -14.43 -14.07 8.36
N LEU A 177 -13.79 -13.97 9.53
CA LEU A 177 -13.12 -15.13 10.09
C LEU A 177 -14.07 -16.14 10.71
N GLU A 178 -15.38 -15.87 10.67
CA GLU A 178 -16.38 -16.82 11.12
C GLU A 178 -17.09 -17.52 9.97
N GLY A 179 -16.72 -17.22 8.73
CA GLY A 179 -17.27 -17.88 7.57
C GLY A 179 -18.43 -17.18 6.90
N ASN A 180 -18.88 -16.05 7.44
CA ASN A 180 -20.02 -15.34 6.87
C ASN A 180 -19.54 -14.43 5.74
N PHE A 181 -20.09 -14.64 4.54
CA PHE A 181 -19.66 -13.88 3.37
C PHE A 181 -20.01 -12.40 3.54
N TYR A 182 -19.25 -11.56 2.84
CA TYR A 182 -19.54 -10.13 2.76
C TYR A 182 -20.36 -9.90 1.49
N GLY A 183 -21.67 -9.76 1.65
CA GLY A 183 -22.56 -9.55 0.54
C GLY A 183 -23.32 -10.80 0.16
N PRO A 184 -24.03 -10.75 -0.97
CA PRO A 184 -24.86 -11.90 -1.37
C PRO A 184 -24.12 -12.88 -2.26
N PHE A 185 -22.89 -13.22 -1.90
CA PHE A 185 -22.05 -14.11 -2.69
C PHE A 185 -21.91 -15.46 -1.99
N VAL A 186 -21.78 -16.51 -2.78
CA VAL A 186 -21.63 -17.87 -2.30
C VAL A 186 -20.36 -18.46 -2.90
N ASP A 187 -19.71 -19.33 -2.13
CA ASP A 187 -18.43 -19.94 -2.55
C ASP A 187 -18.70 -21.08 -3.53
N ARG A 188 -19.16 -20.71 -4.72
CA ARG A 188 -19.36 -21.65 -5.80
C ARG A 188 -19.27 -20.89 -7.12
N GLN A 189 -18.95 -21.63 -8.18
CA GLN A 189 -18.66 -21.04 -9.48
C GLN A 189 -19.89 -20.94 -10.39
N THR A 190 -21.09 -20.81 -9.81
CA THR A 190 -22.28 -20.58 -10.61
C THR A 190 -22.37 -19.09 -10.97
N ALA A 191 -23.44 -18.73 -11.68
CA ALA A 191 -23.62 -17.37 -12.16
C ALA A 191 -23.79 -16.41 -10.99
N GLN A 192 -22.87 -15.47 -10.86
CA GLN A 192 -22.92 -14.45 -9.81
C GLN A 192 -22.43 -13.13 -10.37
N ALA A 193 -22.96 -12.04 -9.82
CA ALA A 193 -22.58 -10.70 -10.27
C ALA A 193 -22.62 -9.74 -9.09
N ALA A 194 -21.65 -8.83 -9.04
CA ALA A 194 -21.60 -7.85 -7.98
C ALA A 194 -22.54 -6.68 -8.28
N GLY A 195 -22.81 -5.89 -7.26
CA GLY A 195 -23.62 -4.70 -7.41
C GLY A 195 -22.89 -3.62 -8.19
N THR A 196 -23.59 -2.51 -8.38
CA THR A 196 -23.02 -1.38 -9.10
C THR A 196 -21.85 -0.79 -8.33
N ASP A 197 -20.72 -0.65 -9.01
CA ASP A 197 -19.51 -0.10 -8.40
C ASP A 197 -19.67 1.42 -8.29
N THR A 198 -19.79 1.91 -7.05
CA THR A 198 -19.95 3.33 -6.79
C THR A 198 -18.78 3.84 -5.96
N THR A 199 -18.72 5.15 -5.80
CA THR A 199 -17.65 5.82 -5.06
C THR A 199 -18.10 6.08 -3.63
N ILE A 200 -17.27 5.68 -2.67
CA ILE A 200 -17.55 5.91 -1.26
C ILE A 200 -17.45 7.40 -0.98
N THR A 201 -18.61 8.06 -0.85
CA THR A 201 -18.64 9.52 -0.76
C THR A 201 -18.03 10.01 0.55
N VAL A 202 -18.35 9.34 1.66
CA VAL A 202 -17.88 9.79 2.97
C VAL A 202 -16.36 9.75 3.04
N ASN A 203 -15.73 8.82 2.33
CA ASN A 203 -14.27 8.75 2.31
C ASN A 203 -13.66 9.82 1.43
N VAL A 204 -14.37 10.24 0.37
CA VAL A 204 -13.88 11.34 -0.46
C VAL A 204 -13.89 12.64 0.32
N LEU A 205 -14.94 12.87 1.12
CA LEU A 205 -14.99 14.07 1.95
C LEU A 205 -13.89 14.06 2.99
N ALA A 206 -13.58 12.90 3.55
CA ALA A 206 -12.45 12.79 4.48
C ALA A 206 -11.15 13.08 3.77
N TRP A 207 -11.00 12.63 2.53
CA TRP A 207 -9.82 12.96 1.73
C TRP A 207 -9.72 14.45 1.49
N LEU A 208 -10.86 15.12 1.29
CA LEU A 208 -10.85 16.57 1.12
C LEU A 208 -10.55 17.27 2.43
N TYR A 209 -11.01 16.73 3.55
CA TYR A 209 -10.67 17.30 4.85
C TYR A 209 -9.19 17.15 5.14
N ALA A 210 -8.60 16.01 4.75
CA ALA A 210 -7.17 15.83 4.92
C ALA A 210 -6.36 16.81 4.07
N ALA A 211 -6.88 17.16 2.89
CA ALA A 211 -6.20 18.14 2.05
C ALA A 211 -6.19 19.52 2.71
N VAL A 212 -7.29 19.88 3.37
CA VAL A 212 -7.34 21.16 4.08
C VAL A 212 -6.37 21.16 5.25
N ILE A 213 -6.31 20.06 5.99
CA ILE A 213 -5.35 19.95 7.09
C ILE A 213 -3.93 20.01 6.56
N ASN A 214 -3.68 19.41 5.40
CA ASN A 214 -2.35 19.43 4.80
C ASN A 214 -1.99 20.80 4.25
N GLY A 215 -2.97 21.63 3.93
CA GLY A 215 -2.73 22.95 3.36
C GLY A 215 -3.36 23.17 2.00
N ASP A 216 -3.88 22.14 1.36
CA ASP A 216 -4.54 22.28 0.06
C ASP A 216 -5.99 22.69 0.28
N ARG A 217 -6.36 23.89 -0.19
CA ARG A 217 -7.72 24.37 0.01
C ARG A 217 -8.21 25.22 -1.16
N TRP A 218 -7.66 25.01 -2.35
CA TRP A 218 -8.13 25.75 -3.53
C TRP A 218 -9.53 25.32 -3.95
N PHE A 219 -10.01 24.19 -3.45
CA PHE A 219 -11.33 23.67 -3.84
C PHE A 219 -12.45 24.15 -2.94
N LEU A 220 -12.14 24.89 -1.86
CA LEU A 220 -13.16 25.35 -0.95
C LEU A 220 -13.98 26.48 -1.58
N ASN A 221 -15.11 26.79 -0.95
CA ASN A 221 -15.97 27.87 -1.42
C ASN A 221 -16.77 28.42 -0.24
N ARG A 222 -17.33 29.60 -0.44
CA ARG A 222 -18.19 30.23 0.57
C ARG A 222 -19.58 29.61 0.62
N PHE A 223 -19.91 28.74 -0.32
CA PHE A 223 -21.26 28.21 -0.44
C PHE A 223 -21.47 26.99 0.45
N THR A 224 -22.72 26.81 0.87
CA THR A 224 -23.16 25.60 1.55
C THR A 224 -24.31 24.99 0.77
N THR A 225 -24.58 23.72 1.03
CA THR A 225 -25.64 23.00 0.34
C THR A 225 -26.39 22.14 1.34
N THR A 226 -27.55 21.65 0.92
CA THR A 226 -28.32 20.72 1.73
C THR A 226 -27.93 19.28 1.41
N LEU A 227 -28.28 18.38 2.33
CA LEU A 227 -27.98 16.97 2.12
C LEU A 227 -28.73 16.42 0.91
N ASN A 228 -29.95 16.90 0.66
CA ASN A 228 -30.72 16.42 -0.48
C ASN A 228 -30.15 16.93 -1.79
N ASP A 229 -29.74 18.20 -1.84
CA ASP A 229 -29.21 18.75 -3.08
C ASP A 229 -27.88 18.10 -3.46
N PHE A 230 -27.03 17.83 -2.47
CA PHE A 230 -25.76 17.17 -2.78
C PHE A 230 -25.98 15.74 -3.23
N ASN A 231 -26.90 15.02 -2.61
CA ASN A 231 -27.15 13.63 -3.00
C ASN A 231 -27.77 13.55 -4.39
N LEU A 232 -28.59 14.53 -4.77
CA LEU A 232 -29.12 14.55 -6.13
C LEU A 232 -28.03 14.79 -7.15
N VAL A 233 -26.97 15.53 -6.76
CA VAL A 233 -25.84 15.74 -7.65
C VAL A 233 -24.89 14.55 -7.60
N ALA A 234 -24.64 14.02 -6.40
CA ALA A 234 -23.71 12.90 -6.26
C ALA A 234 -24.22 11.65 -6.96
N MET A 235 -25.54 11.43 -6.96
CA MET A 235 -26.10 10.24 -7.58
C MET A 235 -25.89 10.24 -9.09
N LYS A 236 -25.85 11.43 -9.71
CA LYS A 236 -25.63 11.51 -11.14
C LYS A 236 -24.21 11.13 -11.54
N TYR A 237 -23.25 11.23 -10.61
CA TYR A 237 -21.86 10.87 -10.88
C TYR A 237 -21.48 9.54 -10.24
N ASN A 238 -22.46 8.67 -9.98
CA ASN A 238 -22.25 7.36 -9.39
C ASN A 238 -21.56 7.45 -8.03
N TYR A 239 -21.84 8.51 -7.29
CA TYR A 239 -21.37 8.65 -5.91
C TYR A 239 -22.45 8.16 -4.96
N GLU A 240 -22.04 7.51 -3.88
CA GLU A 240 -22.99 7.04 -2.89
C GLU A 240 -23.68 8.22 -2.22
N PRO A 241 -24.99 8.16 -2.01
CA PRO A 241 -25.69 9.26 -1.34
C PRO A 241 -25.27 9.36 0.12
N LEU A 242 -25.06 10.58 0.59
CA LEU A 242 -24.60 10.82 1.94
C LEU A 242 -25.74 10.64 2.93
N THR A 243 -25.54 9.77 3.91
CA THR A 243 -26.52 9.58 4.98
C THR A 243 -26.22 10.52 6.15
N GLN A 244 -27.18 10.64 7.05
CA GLN A 244 -27.02 11.52 8.21
C GLN A 244 -25.88 11.04 9.11
N ASP A 245 -25.74 9.72 9.26
CA ASP A 245 -24.67 9.19 10.10
C ASP A 245 -23.30 9.46 9.49
N HIS A 246 -23.20 9.37 8.16
CA HIS A 246 -21.94 9.66 7.49
C HIS A 246 -21.54 11.12 7.66
N VAL A 247 -22.52 12.01 7.85
CA VAL A 247 -22.21 13.40 8.17
C VAL A 247 -21.62 13.49 9.58
N ASP A 248 -22.19 12.75 10.53
CA ASP A 248 -21.67 12.75 11.89
C ASP A 248 -20.32 12.06 12.00
N ILE A 249 -20.00 11.15 11.07
CA ILE A 249 -18.67 10.53 11.06
C ILE A 249 -17.60 11.57 10.80
N LEU A 250 -17.89 12.53 9.93
CA LEU A 250 -16.95 13.61 9.60
C LEU A 250 -16.98 14.75 10.61
N GLY A 251 -17.64 14.55 11.75
CA GLY A 251 -17.73 15.57 12.78
C GLY A 251 -16.39 16.05 13.29
N PRO A 252 -15.57 15.13 13.82
CA PRO A 252 -14.23 15.53 14.30
C PRO A 252 -13.39 16.23 13.25
N LEU A 253 -13.48 15.79 11.98
CA LEU A 253 -12.75 16.50 10.92
C LEU A 253 -13.37 17.85 10.63
N SER A 254 -14.68 17.98 10.80
CA SER A 254 -15.33 19.27 10.59
C SER A 254 -15.00 20.24 11.71
N ALA A 255 -14.88 19.73 12.94
CA ALA A 255 -14.55 20.60 14.08
C ALA A 255 -13.08 21.01 14.04
N GLN A 256 -12.20 20.12 13.59
CA GLN A 256 -10.78 20.45 13.55
C GLN A 256 -10.48 21.51 12.50
N THR A 257 -11.15 21.44 11.35
CA THR A 257 -10.93 22.38 10.26
C THR A 257 -11.86 23.59 10.31
N GLY A 258 -12.89 23.56 11.15
CA GLY A 258 -13.85 24.64 11.17
C GLY A 258 -14.72 24.72 9.94
N ILE A 259 -14.78 23.66 9.15
CA ILE A 259 -15.56 23.62 7.91
C ILE A 259 -16.67 22.59 8.10
N ALA A 260 -17.92 23.05 8.02
CA ALA A 260 -19.05 22.16 8.17
C ALA A 260 -19.08 21.12 7.06
N VAL A 261 -19.74 19.99 7.34
CA VAL A 261 -19.83 18.91 6.34
C VAL A 261 -20.59 19.40 5.12
N LEU A 262 -21.72 20.07 5.33
CA LEU A 262 -22.48 20.63 4.21
C LEU A 262 -21.71 21.73 3.49
N ASP A 263 -20.77 22.39 4.17
CA ASP A 263 -19.87 23.32 3.49
C ASP A 263 -18.93 22.57 2.57
N MET A 264 -18.30 21.50 3.07
CA MET A 264 -17.42 20.70 2.24
C MET A 264 -18.20 19.98 1.14
N CYS A 265 -19.48 19.70 1.37
CA CYS A 265 -20.29 19.06 0.34
C CYS A 265 -20.47 19.97 -0.87
N ALA A 266 -20.56 21.27 -0.67
CA ALA A 266 -20.64 22.20 -1.79
C ALA A 266 -19.35 22.23 -2.59
N SER A 267 -18.21 21.96 -1.94
CA SER A 267 -16.94 21.90 -2.66
C SER A 267 -16.86 20.65 -3.53
N LEU A 268 -17.26 19.50 -2.98
CA LEU A 268 -17.25 18.27 -3.77
C LEU A 268 -18.27 18.34 -4.90
N LYS A 269 -19.41 18.98 -4.65
CA LYS A 269 -20.41 19.15 -5.70
C LYS A 269 -19.87 19.98 -6.85
N GLU A 270 -19.12 21.04 -6.54
CA GLU A 270 -18.50 21.84 -7.58
C GLU A 270 -17.38 21.08 -8.29
N LEU A 271 -16.66 20.22 -7.56
CA LEU A 271 -15.59 19.45 -8.18
C LEU A 271 -16.13 18.39 -9.13
N LEU A 272 -17.36 17.93 -8.91
CA LEU A 272 -17.94 16.93 -9.80
C LEU A 272 -18.57 17.59 -11.03
N GLN A 273 -19.27 18.70 -10.83
CA GLN A 273 -19.93 19.37 -11.95
C GLN A 273 -18.92 20.07 -12.85
N ASN A 274 -18.12 20.97 -12.28
CA ASN A 274 -17.15 21.71 -13.08
C ASN A 274 -15.96 20.86 -13.46
N GLY A 275 -15.63 19.84 -12.66
CA GLY A 275 -14.49 18.99 -12.92
C GLY A 275 -13.22 19.50 -12.27
N MET A 276 -12.21 18.63 -12.26
CA MET A 276 -10.92 19.02 -11.68
C MET A 276 -10.22 20.05 -12.54
N ASN A 277 -10.36 19.94 -13.87
CA ASN A 277 -9.83 20.92 -14.82
C ASN A 277 -8.30 21.05 -14.70
N GLY A 278 -7.62 19.92 -14.75
CA GLY A 278 -6.18 19.91 -14.80
C GLY A 278 -5.47 20.37 -13.54
N ARG A 279 -6.09 20.18 -12.38
CA ARG A 279 -5.46 20.50 -11.11
C ARG A 279 -5.54 19.30 -10.18
N THR A 280 -4.60 19.21 -9.25
CA THR A 280 -4.47 18.08 -8.35
C THR A 280 -4.83 18.47 -6.93
N ILE A 281 -5.20 17.46 -6.15
CA ILE A 281 -5.49 17.61 -4.73
C ILE A 281 -4.66 16.58 -3.97
N LEU A 282 -3.83 17.06 -3.04
CA LEU A 282 -2.90 16.21 -2.30
C LEU A 282 -1.96 15.46 -3.24
N GLY A 283 -1.56 16.13 -4.32
CA GLY A 283 -0.63 15.54 -5.26
C GLY A 283 -1.22 14.46 -6.15
N SER A 284 -2.53 14.51 -6.40
CA SER A 284 -3.17 13.51 -7.24
C SER A 284 -4.37 14.13 -7.93
N ALA A 285 -4.61 13.69 -9.16
CA ALA A 285 -5.75 14.17 -9.94
C ALA A 285 -7.03 13.40 -9.65
N LEU A 286 -6.93 12.17 -9.15
CA LEU A 286 -8.09 11.37 -8.83
C LEU A 286 -8.48 11.55 -7.37
N LEU A 287 -9.78 11.43 -7.10
CA LEU A 287 -10.32 11.57 -5.74
C LEU A 287 -10.29 10.21 -5.07
N GLU A 288 -9.45 10.08 -4.04
CA GLU A 288 -9.34 8.81 -3.31
C GLU A 288 -10.60 8.59 -2.47
N ASP A 289 -11.14 7.37 -2.55
CA ASP A 289 -12.36 7.02 -1.83
C ASP A 289 -12.17 5.84 -0.89
N GLU A 290 -10.92 5.47 -0.60
CA GLU A 290 -10.60 4.42 0.36
C GLU A 290 -9.74 4.98 1.49
N PHE A 291 -10.08 6.18 1.95
CA PHE A 291 -9.36 6.87 3.03
C PHE A 291 -10.42 7.35 4.03
N THR A 292 -10.65 6.56 5.07
CA THR A 292 -11.67 6.88 6.05
C THR A 292 -11.25 8.06 6.91
N PRO A 293 -12.21 8.72 7.56
CA PRO A 293 -11.83 9.79 8.52
C PRO A 293 -10.95 9.30 9.64
N PHE A 294 -11.08 8.04 10.05
CA PHE A 294 -10.16 7.48 11.04
C PHE A 294 -8.74 7.39 10.49
N ASP A 295 -8.59 7.18 9.19
CA ASP A 295 -7.27 7.18 8.58
C ASP A 295 -6.66 8.58 8.56
N VAL A 296 -7.50 9.61 8.48
CA VAL A 296 -7.00 10.99 8.54
C VAL A 296 -6.40 11.27 9.92
N VAL A 297 -7.05 10.80 10.98
CA VAL A 297 -6.56 11.04 12.32
C VAL A 297 -5.30 10.22 12.58
N ARG A 298 -5.22 9.01 12.01
CA ARG A 298 -4.05 8.17 12.22
C ARG A 298 -2.79 8.82 11.67
N GLN A 299 -2.88 9.40 10.47
CA GLN A 299 -1.72 10.01 9.84
C GLN A 299 -1.46 11.42 10.35
N CYS A 300 -2.43 12.04 11.02
CA CYS A 300 -2.16 13.28 11.72
C CYS A 300 -1.40 13.02 13.02
N SER A 301 -1.61 11.86 13.63
CA SER A 301 -1.07 11.64 14.97
C SER A 301 0.36 11.13 14.94
N GLY A 302 0.74 10.40 13.88
CA GLY A 302 2.02 9.72 13.87
C GLY A 302 2.10 8.57 14.84
N VAL A 303 0.96 7.98 15.21
CA VAL A 303 0.96 6.89 16.16
C VAL A 303 1.56 5.65 15.50
N THR A 304 2.28 4.86 16.28
CA THR A 304 2.77 3.58 15.79
C THR A 304 1.63 2.58 15.73
N PHE A 305 1.70 1.70 14.72
CA PHE A 305 0.62 0.77 14.46
C PHE A 305 1.13 -0.67 14.36
N SER B 1 -7.07 -11.78 -10.99
CA SER B 1 -6.99 -10.52 -11.72
C SER B 1 -6.87 -9.34 -10.77
N GLY B 2 -6.93 -8.13 -11.32
CA GLY B 2 -6.82 -6.93 -10.52
C GLY B 2 -5.43 -6.36 -10.46
N PHE B 3 -5.31 -5.04 -10.55
CA PHE B 3 -4.03 -4.35 -10.48
C PHE B 3 -4.14 -3.17 -9.53
N ARG B 4 -3.18 -3.08 -8.60
CA ARG B 4 -3.27 -2.10 -7.52
C ARG B 4 -1.87 -1.83 -6.99
N LYS B 5 -1.68 -0.63 -6.45
CA LYS B 5 -0.41 -0.27 -5.82
C LYS B 5 -0.17 -1.19 -4.63
N MET B 6 0.83 -2.06 -4.74
CA MET B 6 1.11 -3.08 -3.73
C MET B 6 2.52 -2.93 -3.22
N ALA B 7 2.68 -2.99 -1.90
CA ALA B 7 3.99 -2.94 -1.27
C ALA B 7 4.47 -4.35 -0.92
N PHE B 8 5.78 -4.49 -0.77
CA PHE B 8 6.35 -5.75 -0.37
C PHE B 8 6.04 -6.03 1.10
N PRO B 9 6.00 -7.30 1.50
CA PRO B 9 5.85 -7.60 2.93
C PRO B 9 7.00 -7.00 3.74
N SER B 10 6.65 -6.33 4.84
CA SER B 10 7.60 -5.57 5.63
C SER B 10 8.17 -6.37 6.80
N GLY B 11 7.89 -7.68 6.87
CA GLY B 11 8.35 -8.45 8.02
C GLY B 11 9.85 -8.46 8.18
N LYS B 12 10.59 -8.57 7.07
CA LYS B 12 12.04 -8.61 7.14
C LYS B 12 12.62 -7.25 7.52
N VAL B 13 12.00 -6.17 7.05
CA VAL B 13 12.51 -4.84 7.37
C VAL B 13 12.12 -4.42 8.78
N GLU B 14 11.02 -4.97 9.31
CA GLU B 14 10.61 -4.64 10.67
C GLU B 14 11.67 -5.05 11.69
N GLY B 15 12.34 -6.17 11.45
CA GLY B 15 13.38 -6.64 12.34
C GLY B 15 14.68 -5.88 12.29
N CYS B 16 14.77 -4.82 11.47
CA CYS B 16 15.98 -4.02 11.36
C CYS B 16 15.78 -2.58 11.80
N MET B 17 14.59 -2.20 12.23
CA MET B 17 14.31 -0.82 12.60
C MET B 17 14.60 -0.60 14.08
N VAL B 18 15.43 0.40 14.38
CA VAL B 18 15.78 0.76 15.74
C VAL B 18 15.61 2.26 15.89
N GLN B 19 15.59 2.72 17.14
CA GLN B 19 15.47 4.12 17.47
C GLN B 19 16.85 4.67 17.85
N VAL B 20 17.22 5.79 17.23
CA VAL B 20 18.50 6.44 17.48
C VAL B 20 18.23 7.78 18.14
N THR B 21 18.75 7.96 19.35
CA THR B 21 18.57 9.20 20.11
C THR B 21 19.93 9.82 20.40
N CYS B 22 20.08 11.09 20.06
CA CYS B 22 21.29 11.86 20.36
C CYS B 22 20.85 13.17 21.00
N GLY B 23 20.92 13.25 22.32
CA GLY B 23 20.45 14.42 23.03
C GLY B 23 18.94 14.50 23.05
N THR B 24 18.38 15.56 22.46
CA THR B 24 16.94 15.74 22.36
C THR B 24 16.40 15.42 20.97
N THR B 25 17.16 14.68 20.17
CA THR B 25 16.80 14.38 18.79
C THR B 25 16.68 12.87 18.63
N THR B 26 15.47 12.40 18.35
CA THR B 26 15.22 10.99 18.08
C THR B 26 15.01 10.76 16.59
N LEU B 27 15.46 9.59 16.12
CA LEU B 27 15.31 9.21 14.73
C LEU B 27 15.19 7.71 14.63
N ASN B 28 14.83 7.24 13.44
CA ASN B 28 14.79 5.82 13.15
C ASN B 28 16.14 5.38 12.58
N GLY B 29 16.50 4.14 12.88
CA GLY B 29 17.76 3.59 12.41
C GLY B 29 17.56 2.25 11.73
N LEU B 30 18.43 1.98 10.76
CA LEU B 30 18.42 0.70 10.05
C LEU B 30 19.56 -0.15 10.59
N TRP B 31 19.21 -1.24 11.27
CA TRP B 31 20.18 -2.09 11.96
C TRP B 31 20.49 -3.30 11.09
N LEU B 32 21.65 -3.25 10.42
CA LEU B 32 22.12 -4.35 9.58
C LEU B 32 23.51 -4.75 10.06
N ASP B 33 23.68 -6.03 10.38
CA ASP B 33 24.92 -6.57 10.93
C ASP B 33 25.22 -5.79 12.21
N ASP B 34 26.44 -5.29 12.42
CA ASP B 34 26.79 -4.53 13.61
C ASP B 34 26.84 -3.02 13.34
N VAL B 35 26.10 -2.55 12.35
CA VAL B 35 26.09 -1.14 11.97
C VAL B 35 24.64 -0.66 11.95
N VAL B 36 24.41 0.51 12.55
CA VAL B 36 23.09 1.15 12.55
C VAL B 36 23.18 2.39 11.68
N TYR B 37 22.43 2.39 10.57
CA TYR B 37 22.41 3.52 9.66
C TYR B 37 21.24 4.44 10.02
N CYS B 38 21.50 5.75 9.99
CA CYS B 38 20.50 6.75 10.33
C CYS B 38 20.89 8.07 9.71
N PRO B 39 19.94 8.98 9.51
CA PRO B 39 20.30 10.31 8.99
C PRO B 39 21.24 11.03 9.94
N ARG B 40 22.22 11.73 9.35
CA ARG B 40 23.27 12.36 10.16
C ARG B 40 22.77 13.57 10.93
N HIS B 41 21.61 14.12 10.58
CA HIS B 41 21.09 15.29 11.28
C HIS B 41 20.48 14.95 12.64
N VAL B 42 20.68 13.73 13.14
CA VAL B 42 20.33 13.40 14.51
C VAL B 42 21.26 14.03 15.52
N ILE B 43 22.42 14.51 15.08
CA ILE B 43 23.40 15.14 15.95
C ILE B 43 23.17 16.65 15.96
N CYS B 44 22.07 17.09 15.36
CA CYS B 44 21.76 18.51 15.24
C CYS B 44 20.82 18.95 16.36
N THR B 45 21.11 20.12 16.93
CA THR B 45 20.21 20.71 17.91
C THR B 45 19.00 21.32 17.20
N SER B 46 17.99 21.66 18.00
CA SER B 46 16.77 22.23 17.44
C SER B 46 17.03 23.56 16.76
N GLU B 47 17.90 24.38 17.34
CA GLU B 47 18.27 25.67 16.78
C GLU B 47 19.51 25.58 15.89
N ASP B 48 20.02 24.38 15.63
CA ASP B 48 21.19 24.16 14.80
C ASP B 48 20.84 23.36 13.55
N MET B 49 19.71 23.68 12.93
CA MET B 49 19.30 23.06 11.68
C MET B 49 19.34 23.99 10.50
N LEU B 50 19.65 25.28 10.71
CA LEU B 50 19.74 26.21 9.60
C LEU B 50 20.99 25.94 8.76
N ASN B 51 22.16 26.04 9.38
CA ASN B 51 23.43 25.68 8.75
C ASN B 51 24.33 24.97 9.75
N PRO B 52 23.97 23.75 10.16
CA PRO B 52 24.84 22.99 11.06
C PRO B 52 26.18 22.66 10.41
N ASN B 53 27.23 22.69 11.21
CA ASN B 53 28.56 22.22 10.81
C ASN B 53 28.63 20.74 11.14
N TYR B 54 28.26 19.91 10.16
CA TYR B 54 28.14 18.47 10.41
C TYR B 54 29.48 17.86 10.81
N GLU B 55 30.57 18.30 10.19
CA GLU B 55 31.88 17.78 10.56
C GLU B 55 32.26 18.17 11.98
N ASP B 56 31.99 19.43 12.35
CA ASP B 56 32.29 19.87 13.71
C ASP B 56 31.32 19.26 14.72
N LEU B 57 30.08 19.03 14.32
CA LEU B 57 29.10 18.45 15.25
C LEU B 57 29.44 17.00 15.56
N LEU B 58 29.94 16.25 14.58
CA LEU B 58 30.28 14.85 14.81
C LEU B 58 31.53 14.71 15.67
N ILE B 59 32.48 15.64 15.55
CA ILE B 59 33.68 15.59 16.37
C ILE B 59 33.34 15.81 17.84
N ARG B 60 32.44 16.75 18.13
CA ARG B 60 32.05 17.03 19.50
C ARG B 60 31.25 15.89 20.13
N LYS B 61 30.79 14.93 19.35
CA LYS B 61 30.02 13.80 19.84
C LYS B 61 30.93 12.60 20.08
N SER B 62 30.58 11.81 21.09
CA SER B 62 31.27 10.57 21.40
C SER B 62 30.28 9.41 21.31
N ASN B 63 30.80 8.20 21.56
CA ASN B 63 29.94 7.01 21.46
C ASN B 63 28.87 7.01 22.53
N HIS B 64 29.11 7.68 23.66
CA HIS B 64 28.13 7.71 24.75
C HIS B 64 27.00 8.70 24.51
N ASN B 65 27.11 9.56 23.49
CA ASN B 65 26.06 10.51 23.18
C ASN B 65 24.93 9.92 22.34
N PHE B 66 25.10 8.68 21.84
CA PHE B 66 24.11 8.04 21.00
C PHE B 66 23.42 6.94 21.79
N LEU B 67 22.10 7.06 21.93
CA LEU B 67 21.28 6.05 22.58
C LEU B 67 20.53 5.28 21.51
N VAL B 68 20.93 4.02 21.29
CA VAL B 68 20.32 3.16 20.28
C VAL B 68 19.46 2.13 21.01
N GLN B 69 18.17 2.13 20.72
CA GLN B 69 17.21 1.25 21.36
C GLN B 69 16.55 0.37 20.32
N ALA B 70 16.71 -0.95 20.47
CA ALA B 70 16.07 -1.93 19.62
C ALA B 70 14.96 -2.58 20.44
N GLY B 71 13.76 -1.98 20.38
CA GLY B 71 12.66 -2.43 21.20
C GLY B 71 12.86 -2.08 22.66
N ASN B 72 13.17 -3.08 23.48
CA ASN B 72 13.45 -2.88 24.90
C ASN B 72 14.93 -3.01 25.22
N VAL B 73 15.78 -3.30 24.23
CA VAL B 73 17.20 -3.52 24.43
C VAL B 73 17.96 -2.30 23.94
N GLN B 74 18.91 -1.83 24.74
CA GLN B 74 19.76 -0.70 24.40
C GLN B 74 21.07 -1.22 23.83
N LEU B 75 21.33 -0.92 22.55
CA LEU B 75 22.56 -1.33 21.91
C LEU B 75 23.66 -0.32 22.19
N ARG B 76 24.80 -0.80 22.69
CA ARG B 76 25.91 0.07 23.01
C ARG B 76 26.67 0.46 21.75
N VAL B 77 26.86 1.76 21.54
CA VAL B 77 27.58 2.26 20.38
C VAL B 77 29.08 2.19 20.66
N ILE B 78 29.82 1.52 19.78
CA ILE B 78 31.27 1.38 19.92
C ILE B 78 32.02 2.11 18.83
N GLY B 79 31.33 2.82 17.94
CA GLY B 79 31.98 3.56 16.88
C GLY B 79 31.00 4.41 16.10
N HIS B 80 31.48 5.49 15.49
CA HIS B 80 30.62 6.38 14.72
C HIS B 80 31.44 7.02 13.60
N SER B 81 30.82 7.16 12.43
CA SER B 81 31.46 7.78 11.29
C SER B 81 30.38 8.39 10.41
N MET B 82 30.82 9.15 9.41
CA MET B 82 29.92 9.86 8.50
C MET B 82 30.20 9.44 7.07
N GLN B 83 29.16 9.01 6.37
CA GLN B 83 29.22 8.69 4.95
C GLN B 83 28.18 9.57 4.24
N ASN B 84 28.65 10.68 3.69
CA ASN B 84 27.79 11.69 3.04
C ASN B 84 26.78 12.17 4.07
N CYS B 85 25.48 11.99 3.87
CA CYS B 85 24.47 12.49 4.78
C CYS B 85 23.92 11.41 5.71
N VAL B 86 24.57 10.25 5.78
CA VAL B 86 24.11 9.12 6.58
C VAL B 86 25.12 8.86 7.68
N LEU B 87 24.63 8.70 8.91
CA LEU B 87 25.47 8.36 10.05
C LEU B 87 25.54 6.85 10.19
N LYS B 88 26.74 6.36 10.49
CA LYS B 88 26.98 4.93 10.68
C LYS B 88 27.42 4.71 12.13
N LEU B 89 26.58 4.01 12.90
CA LEU B 89 26.83 3.76 14.31
C LEU B 89 27.14 2.28 14.49
N LYS B 90 28.39 1.97 14.84
CA LYS B 90 28.78 0.59 15.09
C LYS B 90 28.30 0.16 16.48
N VAL B 91 27.60 -0.97 16.54
CA VAL B 91 27.07 -1.48 17.79
C VAL B 91 27.80 -2.77 18.15
N ASP B 92 27.67 -3.15 19.42
CA ASP B 92 28.41 -4.31 19.93
C ASP B 92 27.73 -5.64 19.61
N THR B 93 26.49 -5.63 19.14
CA THR B 93 25.76 -6.84 18.77
C THR B 93 25.34 -6.75 17.31
N ALA B 94 25.57 -7.83 16.57
CA ALA B 94 25.14 -7.92 15.18
C ALA B 94 23.71 -8.45 15.12
N ASN B 95 22.88 -7.79 14.31
CA ASN B 95 21.47 -8.17 14.22
C ASN B 95 21.34 -9.55 13.59
N PRO B 96 20.79 -10.54 14.31
CA PRO B 96 20.58 -11.86 13.68
C PRO B 96 19.45 -11.86 12.68
N LYS B 97 18.48 -10.95 12.82
CA LYS B 97 17.39 -10.82 11.86
C LYS B 97 17.82 -10.08 10.59
N THR B 98 19.11 -9.87 10.40
CA THR B 98 19.61 -9.25 9.19
C THR B 98 19.36 -10.15 7.99
N PRO B 99 18.56 -9.74 7.02
CA PRO B 99 18.35 -10.56 5.83
C PRO B 99 19.45 -10.31 4.80
N LYS B 100 19.44 -11.15 3.77
CA LYS B 100 20.29 -10.89 2.61
C LYS B 100 19.90 -9.55 2.00
N TYR B 101 20.85 -8.61 1.98
CA TYR B 101 20.53 -7.25 1.58
C TYR B 101 21.61 -6.70 0.66
N LYS B 102 21.27 -5.60 0.00
CA LYS B 102 22.20 -4.84 -0.82
C LYS B 102 21.72 -3.40 -0.86
N PHE B 103 22.64 -2.49 -1.16
CA PHE B 103 22.34 -1.07 -1.25
C PHE B 103 22.32 -0.67 -2.73
N VAL B 104 21.16 -0.28 -3.22
CA VAL B 104 20.98 0.11 -4.61
C VAL B 104 20.49 1.55 -4.66
N ARG B 105 20.69 2.19 -5.81
CA ARG B 105 20.21 3.55 -6.05
C ARG B 105 19.18 3.49 -7.16
N ILE B 106 17.92 3.78 -6.82
CA ILE B 106 16.83 3.74 -7.78
C ILE B 106 16.92 4.93 -8.72
N GLN B 107 16.03 4.96 -9.71
CA GLN B 107 15.91 6.04 -10.67
C GLN B 107 14.51 6.62 -10.62
N PRO B 108 14.32 7.85 -11.10
CA PRO B 108 12.97 8.43 -11.14
C PRO B 108 12.02 7.55 -11.94
N GLY B 109 10.80 7.39 -11.41
CA GLY B 109 9.79 6.54 -11.99
C GLY B 109 9.69 5.18 -11.32
N GLN B 110 10.80 4.65 -10.83
CA GLN B 110 10.80 3.35 -10.18
C GLN B 110 10.09 3.42 -8.84
N THR B 111 9.56 2.27 -8.41
CA THR B 111 8.79 2.18 -7.18
C THR B 111 9.57 1.43 -6.10
N PHE B 112 9.11 1.59 -4.86
CA PHE B 112 9.69 0.95 -3.70
C PHE B 112 8.73 1.07 -2.54
N SER B 113 8.85 0.14 -1.59
CA SER B 113 7.98 0.12 -0.42
C SER B 113 8.59 0.94 0.70
N VAL B 114 7.80 1.86 1.25
CA VAL B 114 8.23 2.72 2.35
C VAL B 114 7.64 2.19 3.64
N LEU B 115 8.49 1.86 4.61
CA LEU B 115 8.06 1.43 5.93
C LEU B 115 8.15 2.64 6.86
N ALA B 116 7.04 3.33 7.03
CA ALA B 116 7.00 4.49 7.92
C ALA B 116 7.22 4.05 9.36
N CYS B 117 8.15 4.71 10.04
CA CYS B 117 8.53 4.34 11.39
C CYS B 117 8.58 5.56 12.29
N TYR B 118 8.31 5.35 13.58
CA TYR B 118 8.40 6.39 14.58
C TYR B 118 8.93 5.77 15.87
N ASN B 119 9.94 6.40 16.46
CA ASN B 119 10.60 5.91 17.67
C ASN B 119 11.16 4.50 17.49
N GLY B 120 11.63 4.19 16.28
CA GLY B 120 12.18 2.89 15.99
C GLY B 120 11.17 1.78 15.82
N SER B 121 9.88 2.10 15.71
CA SER B 121 8.86 1.09 15.56
C SER B 121 8.03 1.35 14.31
N PRO B 122 7.74 0.30 13.53
CA PRO B 122 7.05 0.50 12.24
C PRO B 122 5.61 0.96 12.44
N SER B 123 5.23 1.99 11.68
CA SER B 123 3.89 2.56 11.74
C SER B 123 3.03 2.16 10.55
N GLY B 124 3.58 2.18 9.35
CA GLY B 124 2.82 1.82 8.17
C GLY B 124 3.73 1.51 7.01
N VAL B 125 3.16 0.82 6.01
CA VAL B 125 3.89 0.43 4.81
C VAL B 125 3.04 0.81 3.59
N TYR B 126 3.69 1.41 2.60
CA TYR B 126 2.98 1.84 1.39
C TYR B 126 3.99 1.95 0.24
N GLN B 127 3.46 1.91 -0.98
CA GLN B 127 4.27 1.94 -2.18
C GLN B 127 4.43 3.36 -2.67
N CYS B 128 5.68 3.76 -2.90
CA CYS B 128 6.02 5.08 -3.41
C CYS B 128 6.76 4.97 -4.73
N ALA B 129 6.71 6.04 -5.52
CA ALA B 129 7.46 6.15 -6.75
C ALA B 129 8.34 7.39 -6.69
N MET B 130 9.59 7.25 -7.14
CA MET B 130 10.50 8.38 -7.20
C MET B 130 10.04 9.33 -8.31
N ARG B 131 9.54 10.49 -7.90
CA ARG B 131 9.00 11.45 -8.86
C ARG B 131 10.10 12.01 -9.77
N PRO B 132 9.74 12.58 -10.91
CA PRO B 132 10.76 13.19 -11.78
C PRO B 132 11.54 14.31 -11.12
N ASN B 133 10.99 14.97 -10.10
CA ASN B 133 11.72 16.01 -9.37
C ASN B 133 12.50 15.44 -8.19
N PHE B 134 12.70 14.12 -8.16
CA PHE B 134 13.51 13.45 -7.13
C PHE B 134 12.91 13.63 -5.74
N THR B 135 11.59 13.61 -5.65
CA THR B 135 10.86 13.63 -4.40
C THR B 135 9.93 12.42 -4.35
N ILE B 136 9.24 12.27 -3.22
CA ILE B 136 8.19 11.27 -3.07
C ILE B 136 7.00 11.91 -2.38
N LYS B 137 5.80 11.55 -2.81
CA LYS B 137 4.57 12.09 -2.23
C LYS B 137 4.08 11.17 -1.11
N GLY B 138 4.92 11.04 -0.09
CA GLY B 138 4.62 10.20 1.04
C GLY B 138 3.79 10.90 2.10
N SER B 139 3.72 10.27 3.28
CA SER B 139 3.01 10.81 4.44
C SER B 139 3.96 10.68 5.62
N PHE B 140 4.77 11.70 5.84
CA PHE B 140 5.81 11.69 6.87
C PHE B 140 5.56 12.81 7.86
N LEU B 141 5.73 12.50 9.15
CA LEU B 141 5.61 13.46 10.23
C LEU B 141 6.96 13.62 10.91
N ASN B 142 6.98 14.39 12.00
CA ASN B 142 8.20 14.59 12.76
C ASN B 142 8.61 13.29 13.43
N GLY B 143 9.89 12.92 13.28
CA GLY B 143 10.40 11.67 13.79
C GLY B 143 10.33 10.52 12.81
N SER B 144 9.86 10.75 11.58
CA SER B 144 9.78 9.70 10.57
C SER B 144 11.07 9.53 9.79
N ALA B 145 11.98 10.49 9.84
CA ALA B 145 13.25 10.34 9.15
C ALA B 145 14.00 9.14 9.71
N GLY B 146 14.74 8.47 8.83
CA GLY B 146 15.29 7.17 9.12
C GLY B 146 14.46 6.02 8.59
N SER B 147 13.19 6.26 8.29
CA SER B 147 12.39 5.27 7.59
C SER B 147 13.03 4.96 6.24
N VAL B 148 12.97 3.69 5.84
CA VAL B 148 13.70 3.22 4.67
C VAL B 148 12.72 2.80 3.58
N GLY B 149 13.15 2.97 2.34
CA GLY B 149 12.45 2.44 1.19
C GLY B 149 13.22 1.24 0.65
N PHE B 150 12.48 0.23 0.18
CA PHE B 150 13.13 -1.02 -0.15
C PHE B 150 12.30 -1.79 -1.19
N ASN B 151 12.97 -2.69 -1.88
CA ASN B 151 12.35 -3.68 -2.75
C ASN B 151 12.94 -5.04 -2.40
N ILE B 152 12.18 -6.09 -2.72
CA ILE B 152 12.60 -7.46 -2.47
C ILE B 152 12.72 -8.17 -3.81
N ASP B 153 13.93 -8.63 -4.14
CA ASP B 153 14.19 -9.42 -5.33
C ASP B 153 14.68 -10.79 -4.89
N TYR B 154 13.92 -11.83 -5.26
CA TYR B 154 14.20 -13.20 -4.84
C TYR B 154 14.26 -13.30 -3.32
N ASP B 155 15.47 -13.52 -2.78
CA ASP B 155 15.67 -13.60 -1.34
C ASP B 155 16.44 -12.41 -0.79
N CYS B 156 16.64 -11.37 -1.59
CA CYS B 156 17.46 -10.23 -1.20
C CYS B 156 16.60 -9.00 -1.00
N VAL B 157 16.85 -8.27 0.09
CA VAL B 157 16.15 -7.03 0.39
C VAL B 157 17.02 -5.89 -0.11
N SER B 158 16.57 -5.21 -1.17
CA SER B 158 17.33 -4.12 -1.77
C SER B 158 16.88 -2.81 -1.15
N PHE B 159 17.71 -2.27 -0.26
CA PHE B 159 17.44 -0.97 0.34
C PHE B 159 17.87 0.13 -0.63
N CYS B 160 16.99 1.10 -0.85
CA CYS B 160 17.25 2.15 -1.84
C CYS B 160 16.94 3.56 -1.36
N TYR B 161 16.33 3.73 -0.20
CA TYR B 161 15.91 5.07 0.22
C TYR B 161 15.95 5.15 1.74
N MET B 162 16.29 6.34 2.25
CA MET B 162 16.21 6.64 3.67
C MET B 162 15.64 8.05 3.80
N HIS B 163 14.56 8.18 4.56
CA HIS B 163 13.89 9.47 4.67
C HIS B 163 14.71 10.45 5.50
N HIS B 164 14.65 11.72 5.12
CA HIS B 164 15.47 12.74 5.76
C HIS B 164 14.65 13.97 6.14
N MET B 165 13.93 14.55 5.17
CA MET B 165 13.32 15.86 5.36
C MET B 165 12.04 15.96 4.55
N GLU B 166 11.31 17.05 4.79
CA GLU B 166 10.11 17.40 4.03
C GLU B 166 10.31 18.77 3.38
N LEU B 167 10.01 18.85 2.09
CA LEU B 167 10.18 20.08 1.34
C LEU B 167 9.00 21.02 1.57
N PRO B 168 9.16 22.32 1.27
CA PRO B 168 8.08 23.28 1.56
C PRO B 168 6.75 22.94 0.92
N THR B 169 6.75 22.35 -0.28
CA THR B 169 5.51 22.05 -0.99
C THR B 169 4.81 20.80 -0.47
N GLY B 170 5.31 20.20 0.61
CA GLY B 170 4.73 19.00 1.17
C GLY B 170 5.35 17.71 0.70
N VAL B 171 6.11 17.74 -0.40
CA VAL B 171 6.81 16.54 -0.86
C VAL B 171 8.00 16.27 0.06
N HIS B 172 8.50 15.03 -0.03
CA HIS B 172 9.54 14.57 0.88
C HIS B 172 10.80 14.20 0.08
N ALA B 173 11.95 14.39 0.73
CA ALA B 173 13.24 14.12 0.12
C ALA B 173 14.09 13.27 1.05
N GLY B 174 15.01 12.52 0.45
CA GLY B 174 15.88 11.66 1.23
C GLY B 174 17.09 11.25 0.41
N THR B 175 17.86 10.33 0.99
CA THR B 175 19.08 9.83 0.38
C THR B 175 18.97 8.32 0.17
N ASP B 176 19.97 7.77 -0.50
CA ASP B 176 20.13 6.32 -0.52
C ASP B 176 20.81 5.88 0.77
N LEU B 177 21.11 4.59 0.87
CA LEU B 177 21.77 4.08 2.07
C LEU B 177 23.25 4.40 2.10
N GLU B 178 23.79 5.03 1.05
CA GLU B 178 25.16 5.50 1.03
C GLU B 178 25.29 6.97 1.43
N GLY B 179 24.18 7.65 1.68
CA GLY B 179 24.19 9.03 2.11
C GLY B 179 23.99 10.05 1.00
N ASN B 180 23.94 9.62 -0.25
CA ASN B 180 23.81 10.55 -1.38
C ASN B 180 22.35 10.91 -1.57
N PHE B 181 22.04 12.20 -1.50
CA PHE B 181 20.67 12.67 -1.64
C PHE B 181 20.12 12.34 -3.02
N TYR B 182 18.80 12.19 -3.09
CA TYR B 182 18.08 12.03 -4.35
C TYR B 182 17.67 13.42 -4.83
N GLY B 183 18.40 13.94 -5.81
CA GLY B 183 18.12 15.26 -6.34
C GLY B 183 19.02 16.33 -5.77
N PRO B 184 18.77 17.59 -6.14
CA PRO B 184 19.61 18.71 -5.71
C PRO B 184 19.20 19.28 -4.35
N PHE B 185 19.00 18.40 -3.38
CA PHE B 185 18.59 18.79 -2.04
C PHE B 185 19.70 18.49 -1.03
N VAL B 186 19.71 19.28 0.04
CA VAL B 186 20.67 19.11 1.12
C VAL B 186 19.90 19.04 2.44
N ASP B 187 20.48 18.34 3.41
CA ASP B 187 19.85 18.19 4.73
C ASP B 187 20.05 19.47 5.56
N ARG B 188 19.57 20.57 4.99
CA ARG B 188 19.65 21.89 5.62
C ARG B 188 18.29 22.57 5.48
N GLN B 189 17.92 23.35 6.50
CA GLN B 189 16.64 24.05 6.51
C GLN B 189 16.73 25.42 5.86
N THR B 190 17.50 25.56 4.78
CA THR B 190 17.60 26.79 4.03
C THR B 190 16.65 26.75 2.84
N ALA B 191 16.61 27.86 2.10
CA ALA B 191 15.70 27.99 0.97
C ALA B 191 15.90 26.88 -0.05
N GLN B 192 14.91 26.00 -0.19
CA GLN B 192 14.97 24.88 -1.11
C GLN B 192 13.60 24.67 -1.73
N ALA B 193 13.59 24.31 -3.02
CA ALA B 193 12.36 24.09 -3.75
C ALA B 193 12.54 22.93 -4.72
N ALA B 194 11.53 22.07 -4.78
CA ALA B 194 11.55 20.96 -5.71
C ALA B 194 11.14 21.42 -7.11
N GLY B 195 11.51 20.62 -8.10
CA GLY B 195 11.17 20.92 -9.48
C GLY B 195 9.70 20.72 -9.76
N THR B 196 9.32 21.02 -11.00
CA THR B 196 7.94 20.86 -11.43
C THR B 196 7.58 19.38 -11.49
N ASP B 197 6.57 18.99 -10.72
CA ASP B 197 6.11 17.60 -10.72
C ASP B 197 5.32 17.31 -12.00
N THR B 198 5.71 16.26 -12.70
CA THR B 198 5.06 15.85 -13.93
C THR B 198 4.62 14.39 -13.83
N THR B 199 3.90 13.94 -14.85
CA THR B 199 3.39 12.57 -14.89
C THR B 199 4.43 11.65 -15.51
N ILE B 200 4.72 10.54 -14.81
CA ILE B 200 5.65 9.55 -15.32
C ILE B 200 4.96 8.78 -16.44
N THR B 201 5.34 9.08 -17.69
CA THR B 201 4.63 8.53 -18.84
C THR B 201 4.84 7.03 -18.97
N VAL B 202 6.05 6.55 -18.70
CA VAL B 202 6.33 5.13 -18.86
C VAL B 202 5.52 4.29 -17.87
N ASN B 203 5.16 4.88 -16.72
CA ASN B 203 4.35 4.15 -15.76
C ASN B 203 2.86 4.16 -16.14
N VAL B 204 2.39 5.24 -16.77
CA VAL B 204 1.01 5.29 -17.24
C VAL B 204 0.80 4.25 -18.33
N LEU B 205 1.76 4.11 -19.25
CA LEU B 205 1.66 3.08 -20.28
C LEU B 205 1.71 1.69 -19.68
N ALA B 206 2.55 1.49 -18.66
CA ALA B 206 2.58 0.21 -17.96
C ALA B 206 1.24 -0.06 -17.27
N TRP B 207 0.59 1.00 -16.77
CA TRP B 207 -0.73 0.84 -16.20
C TRP B 207 -1.75 0.50 -17.27
N LEU B 208 -1.61 1.07 -18.47
CA LEU B 208 -2.49 0.72 -19.58
C LEU B 208 -2.28 -0.72 -20.02
N TYR B 209 -1.03 -1.19 -20.00
CA TYR B 209 -0.75 -2.59 -20.32
C TYR B 209 -1.39 -3.52 -19.29
N ALA B 210 -1.39 -3.11 -18.01
CA ALA B 210 -2.02 -3.92 -16.98
C ALA B 210 -3.52 -4.02 -17.19
N ALA B 211 -4.17 -2.90 -17.50
CA ALA B 211 -5.60 -2.92 -17.79
C ALA B 211 -5.90 -3.82 -18.98
N VAL B 212 -5.05 -3.78 -20.01
CA VAL B 212 -5.23 -4.64 -21.17
C VAL B 212 -5.13 -6.10 -20.79
N ILE B 213 -4.14 -6.45 -19.96
CA ILE B 213 -4.01 -7.82 -19.48
C ILE B 213 -5.23 -8.21 -18.65
N ASN B 214 -5.75 -7.27 -17.87
CA ASN B 214 -6.92 -7.51 -17.04
C ASN B 214 -8.22 -7.55 -17.83
N GLY B 215 -8.16 -7.42 -19.16
CA GLY B 215 -9.36 -7.42 -19.98
C GLY B 215 -9.96 -6.06 -20.25
N ASP B 216 -9.37 -4.98 -19.72
CA ASP B 216 -9.86 -3.63 -19.93
C ASP B 216 -9.14 -3.04 -21.14
N ARG B 217 -9.81 -3.04 -22.29
CA ARG B 217 -9.17 -2.60 -23.53
C ARG B 217 -10.10 -1.73 -24.37
N TRP B 218 -11.04 -1.02 -23.73
CA TRP B 218 -11.92 -0.15 -24.47
C TRP B 218 -11.17 1.03 -25.09
N PHE B 219 -10.04 1.42 -24.51
CA PHE B 219 -9.27 2.55 -24.99
C PHE B 219 -8.37 2.21 -26.18
N LEU B 220 -8.26 0.93 -26.53
CA LEU B 220 -7.39 0.54 -27.63
C LEU B 220 -7.99 0.99 -28.97
N ASN B 221 -7.17 1.61 -29.80
CA ASN B 221 -7.56 2.04 -31.13
C ASN B 221 -6.67 1.35 -32.16
N ARG B 222 -7.01 1.55 -33.44
CA ARG B 222 -6.28 0.96 -34.55
C ARG B 222 -5.24 1.90 -35.14
N PHE B 223 -5.07 3.09 -34.56
CA PHE B 223 -4.13 4.06 -35.08
C PHE B 223 -2.74 3.86 -34.47
N THR B 224 -1.72 4.31 -35.20
CA THR B 224 -0.35 4.26 -34.75
C THR B 224 0.25 5.67 -34.78
N THR B 225 1.32 5.86 -34.03
CA THR B 225 1.97 7.16 -33.94
C THR B 225 3.47 6.98 -33.81
N THR B 226 4.20 8.02 -34.18
CA THR B 226 5.65 8.02 -34.03
C THR B 226 6.02 8.46 -32.62
N LEU B 227 7.28 8.15 -32.24
CA LEU B 227 7.74 8.53 -30.91
C LEU B 227 7.82 10.04 -30.77
N ASN B 228 8.20 10.74 -31.84
CA ASN B 228 8.29 12.20 -31.77
C ASN B 228 6.92 12.84 -31.68
N ASP B 229 5.96 12.33 -32.45
CA ASP B 229 4.61 12.90 -32.44
C ASP B 229 3.91 12.65 -31.12
N PHE B 230 4.20 11.53 -30.46
CA PHE B 230 3.58 11.26 -29.17
C PHE B 230 4.13 12.19 -28.09
N ASN B 231 5.44 12.46 -28.13
CA ASN B 231 6.04 13.33 -27.12
C ASN B 231 5.56 14.77 -27.23
N LEU B 232 5.16 15.19 -28.42
CA LEU B 232 4.63 16.54 -28.58
C LEU B 232 3.28 16.69 -27.88
N VAL B 233 2.46 15.64 -27.93
CA VAL B 233 1.17 15.67 -27.23
C VAL B 233 1.39 15.46 -25.73
N ALA B 234 2.35 14.61 -25.36
CA ALA B 234 2.56 14.28 -23.97
C ALA B 234 2.96 15.49 -23.14
N MET B 235 3.99 16.21 -23.59
CA MET B 235 4.48 17.35 -22.82
C MET B 235 3.49 18.50 -22.79
N LYS B 236 2.48 18.49 -23.67
CA LYS B 236 1.43 19.49 -23.60
C LYS B 236 0.52 19.25 -22.40
N TYR B 237 0.42 18.00 -21.93
CA TYR B 237 -0.41 17.64 -20.78
C TYR B 237 0.43 17.35 -19.54
N ASN B 238 1.60 17.99 -19.45
CA ASN B 238 2.52 17.82 -18.32
C ASN B 238 2.95 16.37 -18.14
N TYR B 239 3.02 15.62 -19.24
CA TYR B 239 3.55 14.26 -19.21
C TYR B 239 5.04 14.27 -19.56
N GLU B 240 5.78 13.37 -18.95
CA GLU B 240 7.20 13.27 -19.24
C GLU B 240 7.40 12.78 -20.67
N PRO B 241 8.38 13.33 -21.40
CA PRO B 241 8.66 12.84 -22.75
C PRO B 241 9.22 11.43 -22.70
N LEU B 242 8.68 10.55 -23.54
CA LEU B 242 9.07 9.14 -23.55
C LEU B 242 10.43 9.01 -24.23
N THR B 243 11.45 8.66 -23.45
CA THR B 243 12.77 8.42 -24.00
C THR B 243 12.82 7.03 -24.66
N GLN B 244 13.88 6.80 -25.44
CA GLN B 244 14.00 5.54 -26.16
C GLN B 244 14.17 4.37 -25.20
N ASP B 245 14.91 4.58 -24.10
CA ASP B 245 15.10 3.50 -23.13
C ASP B 245 13.79 3.12 -22.47
N HIS B 246 12.92 4.10 -22.19
CA HIS B 246 11.65 3.79 -21.56
C HIS B 246 10.73 3.02 -22.50
N VAL B 247 10.92 3.16 -23.82
CA VAL B 247 10.19 2.33 -24.76
C VAL B 247 10.59 0.87 -24.60
N ASP B 248 11.88 0.62 -24.33
CA ASP B 248 12.37 -0.74 -24.16
C ASP B 248 11.95 -1.33 -22.81
N ILE B 249 11.73 -0.49 -21.80
CA ILE B 249 11.26 -1.00 -20.51
C ILE B 249 9.89 -1.63 -20.64
N LEU B 250 9.06 -1.12 -21.55
CA LEU B 250 7.76 -1.70 -21.83
C LEU B 250 7.82 -2.91 -22.75
N GLY B 251 9.03 -3.39 -23.06
CA GLY B 251 9.22 -4.52 -23.93
C GLY B 251 8.51 -5.78 -23.46
N PRO B 252 8.82 -6.26 -22.26
CA PRO B 252 8.13 -7.44 -21.74
C PRO B 252 6.62 -7.30 -21.70
N LEU B 253 6.11 -6.09 -21.43
CA LEU B 253 4.68 -5.88 -21.48
C LEU B 253 4.18 -5.86 -22.92
N SER B 254 4.97 -5.33 -23.84
CA SER B 254 4.58 -5.34 -25.25
C SER B 254 4.62 -6.75 -25.83
N ALA B 255 5.54 -7.58 -25.37
CA ALA B 255 5.61 -8.95 -25.86
C ALA B 255 4.50 -9.83 -25.27
N GLN B 256 4.20 -9.63 -23.98
CA GLN B 256 3.15 -10.43 -23.34
C GLN B 256 1.79 -10.16 -23.94
N THR B 257 1.53 -8.91 -24.35
CA THR B 257 0.25 -8.54 -24.93
C THR B 257 0.25 -8.56 -26.46
N GLY B 258 1.41 -8.45 -27.09
CA GLY B 258 1.47 -8.34 -28.53
C GLY B 258 1.14 -6.96 -29.07
N ILE B 259 0.87 -5.99 -28.20
CA ILE B 259 0.59 -4.63 -28.61
C ILE B 259 1.90 -3.84 -28.59
N ALA B 260 2.22 -3.21 -29.72
CA ALA B 260 3.44 -2.42 -29.81
C ALA B 260 3.37 -1.22 -28.86
N VAL B 261 4.55 -0.77 -28.42
CA VAL B 261 4.62 0.36 -27.50
C VAL B 261 4.05 1.61 -28.16
N LEU B 262 4.39 1.85 -29.43
CA LEU B 262 3.84 2.99 -30.15
C LEU B 262 2.34 2.87 -30.36
N ASP B 263 1.80 1.64 -30.36
CA ASP B 263 0.35 1.48 -30.42
C ASP B 263 -0.29 1.90 -29.10
N MET B 264 0.30 1.51 -27.98
CA MET B 264 -0.19 1.96 -26.68
C MET B 264 -0.02 3.47 -26.52
N CYS B 265 1.02 4.03 -27.14
CA CYS B 265 1.21 5.49 -27.10
C CYS B 265 0.07 6.21 -27.79
N ALA B 266 -0.34 5.72 -28.97
CA ALA B 266 -1.46 6.32 -29.67
C ALA B 266 -2.75 6.24 -28.86
N SER B 267 -2.93 5.15 -28.11
CA SER B 267 -4.09 5.04 -27.23
C SER B 267 -4.04 6.06 -26.11
N LEU B 268 -2.83 6.39 -25.63
CA LEU B 268 -2.71 7.41 -24.61
C LEU B 268 -2.93 8.81 -25.18
N LYS B 269 -2.53 9.04 -26.43
CA LYS B 269 -2.78 10.33 -27.06
C LYS B 269 -4.27 10.61 -27.17
N GLU B 270 -5.04 9.63 -27.65
CA GLU B 270 -6.49 9.81 -27.76
C GLU B 270 -7.13 9.99 -26.39
N LEU B 271 -6.58 9.34 -25.36
CA LEU B 271 -7.12 9.50 -24.01
C LEU B 271 -6.81 10.89 -23.45
N LEU B 272 -5.68 11.47 -23.84
CA LEU B 272 -5.32 12.80 -23.35
C LEU B 272 -6.03 13.89 -24.13
N GLN B 273 -6.13 13.74 -25.46
CA GLN B 273 -6.71 14.78 -26.29
C GLN B 273 -8.24 14.81 -26.14
N ASN B 274 -8.87 13.65 -25.97
CA ASN B 274 -10.31 13.56 -25.93
C ASN B 274 -10.89 13.29 -24.55
N GLY B 275 -10.06 12.84 -23.59
CA GLY B 275 -10.53 12.59 -22.25
C GLY B 275 -11.09 11.19 -22.07
N MET B 276 -11.54 10.92 -20.86
CA MET B 276 -12.10 9.62 -20.52
C MET B 276 -13.57 9.50 -20.88
N ASN B 277 -14.28 10.63 -21.00
CA ASN B 277 -15.71 10.64 -21.36
C ASN B 277 -16.54 9.84 -20.37
N GLY B 278 -16.38 10.16 -19.08
CA GLY B 278 -17.16 9.51 -18.05
C GLY B 278 -16.92 8.01 -17.92
N ARG B 279 -15.71 7.56 -18.24
CA ARG B 279 -15.37 6.15 -18.18
C ARG B 279 -14.20 5.95 -17.22
N THR B 280 -14.01 4.70 -16.80
CA THR B 280 -12.95 4.34 -15.87
C THR B 280 -12.05 3.27 -16.48
N ILE B 281 -10.84 3.16 -15.94
CA ILE B 281 -9.87 2.14 -16.34
C ILE B 281 -9.39 1.46 -15.07
N LEU B 282 -9.53 0.13 -15.02
CA LEU B 282 -9.18 -0.66 -13.84
C LEU B 282 -9.88 -0.14 -12.59
N GLY B 283 -11.11 0.35 -12.75
CA GLY B 283 -11.85 0.90 -11.64
C GLY B 283 -11.37 2.26 -11.17
N SER B 284 -10.62 2.98 -12.00
CA SER B 284 -10.09 4.29 -11.65
C SER B 284 -10.47 5.29 -12.73
N ALA B 285 -10.87 6.49 -12.30
CA ALA B 285 -11.30 7.51 -13.25
C ALA B 285 -10.11 8.22 -13.89
N LEU B 286 -8.96 8.23 -13.22
CA LEU B 286 -7.75 8.87 -13.73
C LEU B 286 -6.65 7.85 -13.91
N LEU B 287 -5.66 8.21 -14.71
CA LEU B 287 -4.54 7.32 -15.01
C LEU B 287 -3.50 7.37 -13.89
N GLU B 288 -3.03 6.20 -13.48
CA GLU B 288 -2.02 6.09 -12.44
C GLU B 288 -0.63 6.13 -13.04
N ASP B 289 0.29 6.81 -12.35
CA ASP B 289 1.65 6.97 -12.82
C ASP B 289 2.69 6.46 -11.82
N GLU B 290 2.27 5.69 -10.81
CA GLU B 290 3.18 5.11 -9.83
C GLU B 290 3.19 3.58 -9.94
N PHE B 291 3.08 3.07 -11.16
CA PHE B 291 3.04 1.63 -11.44
C PHE B 291 4.03 1.34 -12.56
N THR B 292 5.21 0.82 -12.20
CA THR B 292 6.26 0.53 -13.16
C THR B 292 5.93 -0.74 -13.94
N PRO B 293 6.58 -0.93 -15.09
CA PRO B 293 6.42 -2.21 -15.80
C PRO B 293 6.81 -3.42 -14.96
N PHE B 294 7.78 -3.27 -14.06
CA PHE B 294 8.12 -4.36 -13.15
C PHE B 294 6.98 -4.64 -12.18
N ASP B 295 6.27 -3.60 -11.76
CA ASP B 295 5.11 -3.80 -10.89
C ASP B 295 4.00 -4.57 -11.60
N VAL B 296 3.85 -4.36 -12.91
CA VAL B 296 2.85 -5.11 -13.68
C VAL B 296 3.23 -6.57 -13.75
N VAL B 297 4.50 -6.86 -14.05
CA VAL B 297 4.96 -8.24 -14.14
C VAL B 297 4.91 -8.91 -12.77
N ARG B 298 5.25 -8.15 -11.71
CA ARG B 298 5.28 -8.72 -10.37
C ARG B 298 3.88 -9.12 -9.89
N GLN B 299 2.87 -8.33 -10.24
CA GLN B 299 1.53 -8.60 -9.74
C GLN B 299 0.81 -9.68 -10.55
N CYS B 300 1.15 -9.83 -11.83
CA CYS B 300 0.55 -10.87 -12.65
C CYS B 300 1.29 -12.21 -12.54
N SER B 301 2.43 -12.24 -11.87
CA SER B 301 3.18 -13.47 -11.65
C SER B 301 3.03 -14.02 -10.25
N GLY B 302 2.82 -13.17 -9.25
CA GLY B 302 2.60 -13.62 -7.89
C GLY B 302 3.80 -14.30 -7.27
N VAL B 303 4.93 -13.60 -7.20
CA VAL B 303 6.15 -14.13 -6.62
C VAL B 303 6.11 -13.91 -5.11
N THR B 304 6.35 -14.98 -4.36
CA THR B 304 6.33 -14.92 -2.90
C THR B 304 7.74 -14.73 -2.34
N PHE B 305 7.80 -14.41 -1.05
CA PHE B 305 9.07 -14.18 -0.37
C PHE B 305 9.07 -14.79 1.02
N ARG C 1 -15.76 -13.14 -16.95
CA ARG C 1 -16.43 -14.33 -17.46
C ARG C 1 -17.37 -14.92 -16.41
N GLU C 2 -16.88 -15.93 -15.70
CA GLU C 2 -17.65 -16.60 -14.66
C GLU C 2 -16.91 -16.52 -13.32
N PRO C 3 -17.63 -16.53 -12.21
CA PRO C 3 -16.95 -16.48 -10.90
C PRO C 3 -16.13 -17.73 -10.68
N MET C 4 -14.93 -17.55 -10.13
CA MET C 4 -14.02 -18.65 -9.87
C MET C 4 -13.49 -18.55 -8.44
N LEU C 5 -13.38 -19.70 -7.78
CA LEU C 5 -12.76 -19.77 -6.47
C LEU C 5 -11.26 -19.75 -6.63
N GLN C 6 -10.59 -18.89 -5.88
CA GLN C 6 -9.19 -18.55 -6.14
C GLN C 6 -8.21 -19.41 -5.34
N SER C 7 -8.46 -20.72 -5.32
CA SER C 7 -7.45 -21.67 -4.90
C SER C 7 -6.58 -22.01 -6.10
N ALA C 8 -5.65 -22.95 -5.92
CA ALA C 8 -4.75 -23.34 -6.99
C ALA C 8 -4.64 -24.85 -7.03
N ASP C 9 -4.25 -25.36 -8.20
CA ASP C 9 -4.00 -26.78 -8.35
C ASP C 9 -2.67 -27.15 -7.68
N ALA C 10 -2.67 -28.28 -6.99
CA ALA C 10 -1.46 -28.73 -6.32
C ALA C 10 -0.41 -29.14 -7.34
N GLN C 11 0.84 -28.78 -7.05
CA GLN C 11 1.95 -29.12 -7.94
C GLN C 11 2.90 -30.11 -7.28
N ARG D 1 7.39 28.64 3.38
CA ARG D 1 7.87 27.93 4.55
C ARG D 1 9.19 27.23 4.25
N GLU D 2 10.01 27.02 5.28
CA GLU D 2 11.31 26.42 5.12
C GLU D 2 11.19 24.89 5.12
N PRO D 3 12.15 24.19 4.51
CA PRO D 3 12.17 22.74 4.63
C PRO D 3 12.51 22.33 6.06
N MET D 4 11.91 21.22 6.50
CA MET D 4 12.05 20.75 7.87
C MET D 4 12.66 19.36 7.87
N LEU D 5 13.81 19.23 8.55
CA LEU D 5 14.35 17.92 8.86
C LEU D 5 13.43 17.23 9.85
N GLN D 6 12.89 16.07 9.46
CA GLN D 6 11.79 15.45 10.19
C GLN D 6 12.34 14.51 11.27
N SER D 7 12.92 15.13 12.30
CA SER D 7 13.40 14.45 13.49
C SER D 7 12.57 14.91 14.68
N ALA D 8 12.10 13.95 15.49
CA ALA D 8 11.27 14.28 16.63
C ALA D 8 12.12 14.79 17.80
N ASP D 9 11.44 15.43 18.75
CA ASP D 9 12.10 15.93 19.94
C ASP D 9 12.22 14.83 20.98
N ALA D 10 12.96 15.13 22.05
CA ALA D 10 13.18 14.20 23.16
C ALA D 10 13.77 12.87 22.68
C1 GOL E . -21.88 4.43 1.56
O1 GOL E . -22.78 4.01 2.53
C2 GOL E . -20.48 3.98 2.01
O2 GOL E . -20.11 4.57 3.21
C3 GOL E . -20.57 2.45 2.14
O3 GOL E . -21.21 1.99 0.98
C1 GOL F . 11.55 9.99 -17.04
O1 GOL F . 12.89 9.83 -17.38
C2 GOL F . 11.28 9.07 -15.82
O2 GOL F . 10.40 8.03 -16.14
C3 GOL F . 10.73 10.00 -14.73
O3 GOL F . 11.49 11.17 -14.77
#